data_7B9R
#
_entry.id   7B9R
#
_cell.length_a   82.071
_cell.length_b   112.434
_cell.length_c   62.496
_cell.angle_alpha   90.000
_cell.angle_beta   90.000
_cell.angle_gamma   90.000
#
_symmetry.space_group_name_H-M   'C 2 2 21'
#
loop_
_entity.id
_entity.type
_entity.pdbx_description
1 polymer '14-3-3 protein sigma'
2 polymer 'Estrogen receptor'
3 non-polymer 'MAGNESIUM ION'
4 non-polymer 2-(2-cyanophenyl)sulfanyl-~{N}-(3-sulfanylpropyl)benzamide
5 water water
#
loop_
_entity_poly.entity_id
_entity_poly.type
_entity_poly.pdbx_seq_one_letter_code
_entity_poly.pdbx_strand_id
1 'polypeptide(L)'
;GAMGSMERASLIQKAKLAEQAERYEDMAAFMKGAVEKGEELSNEERNLLCVAYKNVVGGQRAAWRVLSSIEQKSNEEGSE
EKGPEVREYREKVETELQGVCDTVLGLLDSHLIKEAGDAESRVFYLKMKGDYYRYLAEVATGDDKKRIIDSARSAYQEAM
DISKKEMPPTNPIRLGLALNFSVFHYEIANSPEEAISLAKTTFDEAMADLHTLSEDSYKDSTLIMQLLRDNLTLWT
;
A
2 'polypeptide(L)' AEGFPA(TPO)V B
#
# COMPACT_ATOMS: atom_id res chain seq x y z
N GLY A 1 -7.56 -22.42 -9.31
CA GLY A 1 -7.25 -21.89 -7.99
C GLY A 1 -7.84 -22.73 -6.89
N ALA A 2 -7.12 -22.84 -5.76
CA ALA A 2 -7.56 -23.70 -4.66
C ALA A 2 -8.85 -23.23 -4.02
N MET A 3 -9.23 -21.96 -4.19
CA MET A 3 -10.48 -21.44 -3.67
C MET A 3 -11.62 -21.51 -4.68
N GLY A 4 -11.35 -22.07 -5.87
CA GLY A 4 -12.35 -22.09 -6.92
C GLY A 4 -13.63 -22.79 -6.55
N SER A 5 -13.57 -23.78 -5.64
CA SER A 5 -14.76 -24.53 -5.27
C SER A 5 -15.53 -23.92 -4.11
N MET A 6 -15.02 -22.87 -3.47
CA MET A 6 -15.68 -22.28 -2.32
C MET A 6 -16.55 -21.10 -2.74
N GLU A 7 -17.75 -21.01 -2.17
CA GLU A 7 -18.65 -19.91 -2.45
C GLU A 7 -18.00 -18.56 -2.15
N ARG A 8 -18.32 -17.56 -2.97
CA ARG A 8 -17.85 -16.20 -2.72
C ARG A 8 -18.17 -15.73 -1.30
N ALA A 9 -19.42 -15.95 -0.86
CA ALA A 9 -19.81 -15.46 0.46
C ALA A 9 -19.04 -16.17 1.57
N SER A 10 -18.76 -17.46 1.36
CA SER A 10 -17.99 -18.23 2.34
C SER A 10 -16.55 -17.75 2.42
N LEU A 11 -15.97 -17.39 1.27
CA LEU A 11 -14.62 -16.84 1.25
C LEU A 11 -14.56 -15.53 2.04
N ILE A 12 -15.55 -14.67 1.83
CA ILE A 12 -15.60 -13.41 2.58
C ILE A 12 -15.77 -13.66 4.07
N GLN A 13 -16.68 -14.57 4.43
CA GLN A 13 -16.88 -14.90 5.83
C GLN A 13 -15.59 -15.41 6.45
N LYS A 14 -14.89 -16.30 5.75
CA LYS A 14 -13.65 -16.84 6.29
C LYS A 14 -12.55 -15.80 6.34
N ALA A 15 -12.53 -14.86 5.39
CA ALA A 15 -11.55 -13.77 5.48
C ALA A 15 -11.74 -12.98 6.77
N LYS A 16 -12.99 -12.75 7.17
CA LYS A 16 -13.26 -12.04 8.41
C LYS A 16 -12.84 -12.85 9.62
N LEU A 17 -13.06 -14.17 9.59
CA LEU A 17 -12.60 -15.03 10.67
C LEU A 17 -11.07 -15.03 10.74
N ALA A 18 -10.41 -15.11 9.59
CA ALA A 18 -8.96 -15.10 9.56
C ALA A 18 -8.42 -13.80 10.14
N GLU A 19 -9.08 -12.68 9.85
CA GLU A 19 -8.66 -11.41 10.44
C GLU A 19 -8.76 -11.46 11.96
N GLN A 20 -9.89 -11.96 12.49
CA GLN A 20 -10.04 -12.06 13.94
C GLN A 20 -8.96 -12.94 14.55
N ALA A 21 -8.56 -13.99 13.85
CA ALA A 21 -7.53 -14.91 14.33
C ALA A 21 -6.11 -14.44 13.99
N GLU A 22 -5.97 -13.28 13.37
CA GLU A 22 -4.66 -12.76 12.96
C GLU A 22 -3.91 -13.71 12.02
N ARG A 23 -4.67 -14.39 11.15
CA ARG A 23 -4.12 -15.31 10.16
C ARG A 23 -4.17 -14.60 8.81
N TYR A 24 -3.22 -13.71 8.59
CA TYR A 24 -3.33 -12.79 7.45
C TYR A 24 -3.00 -13.46 6.12
N GLU A 25 -2.11 -14.45 6.12
CA GLU A 25 -1.89 -15.21 4.89
C GLU A 25 -3.16 -15.93 4.46
N ASP A 26 -3.86 -16.57 5.40
CA ASP A 26 -5.16 -17.17 5.07
C ASP A 26 -6.13 -16.11 4.58
N MET A 27 -6.20 -14.98 5.30
CA MET A 27 -7.11 -13.92 4.91
C MET A 27 -6.87 -13.48 3.47
N ALA A 28 -5.59 -13.32 3.10
CA ALA A 28 -5.26 -12.91 1.74
C ALA A 28 -5.66 -13.97 0.74
N ALA A 29 -5.42 -15.24 1.05
CA ALA A 29 -5.80 -16.30 0.13
C ALA A 29 -7.31 -16.35 -0.07
N PHE A 30 -8.08 -16.16 1.00
CA PHE A 30 -9.53 -16.13 0.87
C PHE A 30 -9.97 -14.94 0.00
N MET A 31 -9.38 -13.77 0.23
CA MET A 31 -9.78 -12.59 -0.54
C MET A 31 -9.34 -12.70 -2.00
N LYS A 32 -8.17 -13.29 -2.26
CA LYS A 32 -7.79 -13.57 -3.64
C LYS A 32 -8.84 -14.46 -4.32
N GLY A 33 -9.25 -15.52 -3.63
CA GLY A 33 -10.32 -16.36 -4.17
C GLY A 33 -11.59 -15.58 -4.42
N ALA A 34 -11.95 -14.67 -3.52
CA ALA A 34 -13.15 -13.87 -3.71
C ALA A 34 -13.03 -12.97 -4.94
N VAL A 35 -11.89 -12.30 -5.09
CA VAL A 35 -11.68 -11.47 -6.28
C VAL A 35 -11.82 -12.29 -7.54
N GLU A 36 -11.25 -13.50 -7.54
CA GLU A 36 -11.24 -14.34 -8.73
C GLU A 36 -12.62 -14.88 -9.09
N LYS A 37 -13.64 -14.67 -8.24
CA LYS A 37 -14.99 -14.97 -8.67
C LYS A 37 -15.45 -14.06 -9.80
N GLY A 38 -14.79 -12.92 -10.00
CA GLY A 38 -15.07 -12.07 -11.15
C GLY A 38 -16.03 -10.93 -10.89
N GLU A 39 -16.72 -10.91 -9.76
CA GLU A 39 -17.61 -9.82 -9.44
C GLU A 39 -16.84 -8.66 -8.81
N GLU A 40 -17.37 -7.45 -8.99
CA GLU A 40 -16.80 -6.28 -8.32
C GLU A 40 -16.88 -6.45 -6.81
N LEU A 41 -16.05 -5.72 -6.09
CA LEU A 41 -15.99 -5.78 -4.63
C LEU A 41 -16.71 -4.57 -4.04
N SER A 42 -17.45 -4.80 -2.97
CA SER A 42 -18.03 -3.72 -2.20
C SER A 42 -16.95 -2.97 -1.41
N ASN A 43 -17.36 -1.86 -0.79
CA ASN A 43 -16.42 -1.10 0.03
C ASN A 43 -15.79 -1.98 1.12
N GLU A 44 -16.63 -2.72 1.84
CA GLU A 44 -16.12 -3.57 2.92
C GLU A 44 -15.18 -4.64 2.36
N GLU A 45 -15.54 -5.22 1.20
CA GLU A 45 -14.71 -6.27 0.62
C GLU A 45 -13.36 -5.72 0.15
N ARG A 46 -13.36 -4.52 -0.43
CA ARG A 46 -12.10 -3.89 -0.80
C ARG A 46 -11.21 -3.70 0.42
N ASN A 47 -11.80 -3.30 1.55
N ASN A 47 -11.81 -3.25 1.54
CA ASN A 47 -10.98 -3.09 2.72
CA ASN A 47 -11.07 -3.10 2.79
C ASN A 47 -10.45 -4.40 3.31
C ASN A 47 -10.42 -4.41 3.19
N LEU A 48 -11.20 -5.50 3.18
CA LEU A 48 -10.67 -6.80 3.58
C LEU A 48 -9.48 -7.21 2.72
N LEU A 49 -9.59 -7.03 1.40
CA LEU A 49 -8.49 -7.35 0.50
C LEU A 49 -7.25 -6.53 0.87
N CYS A 50 -7.45 -5.23 1.11
CA CYS A 50 -6.36 -4.34 1.44
C CYS A 50 -5.71 -4.73 2.76
N VAL A 51 -6.52 -4.98 3.80
CA VAL A 51 -5.98 -5.33 5.12
C VAL A 51 -5.14 -6.60 5.03
N ALA A 52 -5.66 -7.61 4.34
CA ALA A 52 -4.98 -8.90 4.27
C ALA A 52 -3.59 -8.74 3.67
N TYR A 53 -3.52 -8.16 2.48
CA TYR A 53 -2.23 -8.07 1.82
C TYR A 53 -1.30 -7.05 2.49
N LYS A 54 -1.86 -5.97 3.04
CA LYS A 54 -1.01 -5.01 3.77
C LYS A 54 -0.29 -5.70 4.91
N ASN A 55 -0.97 -6.59 5.64
CA ASN A 55 -0.34 -7.29 6.74
C ASN A 55 0.67 -8.32 6.26
N VAL A 56 0.33 -9.06 5.20
CA VAL A 56 1.29 -10.04 4.69
C VAL A 56 2.56 -9.34 4.21
N VAL A 57 2.41 -8.36 3.31
CA VAL A 57 3.59 -7.71 2.77
C VAL A 57 4.30 -6.89 3.84
N GLY A 58 3.56 -6.36 4.82
CA GLY A 58 4.22 -5.63 5.89
C GLY A 58 5.19 -6.49 6.68
N GLY A 59 4.79 -7.74 6.97
CA GLY A 59 5.69 -8.65 7.64
C GLY A 59 6.90 -9.00 6.79
N GLN A 60 6.67 -9.19 5.48
CA GLN A 60 7.78 -9.48 4.58
C GLN A 60 8.76 -8.32 4.51
N ARG A 61 8.24 -7.08 4.42
CA ARG A 61 9.09 -5.90 4.36
C ARG A 61 9.92 -5.76 5.63
N ALA A 62 9.30 -5.99 6.79
CA ALA A 62 10.03 -5.90 8.04
C ALA A 62 11.15 -6.91 8.09
N ALA A 63 10.88 -8.14 7.66
CA ALA A 63 11.91 -9.18 7.64
C ALA A 63 13.01 -8.84 6.64
N TRP A 64 12.62 -8.35 5.45
CA TRP A 64 13.60 -7.97 4.45
C TRP A 64 14.54 -6.89 4.98
N ARG A 65 13.99 -5.91 5.72
CA ARG A 65 14.84 -4.85 6.25
CA ARG A 65 14.84 -4.85 6.25
C ARG A 65 15.82 -5.38 7.29
N VAL A 66 15.38 -6.31 8.14
CA VAL A 66 16.29 -6.93 9.11
C VAL A 66 17.44 -7.60 8.38
N LEU A 67 17.12 -8.41 7.37
CA LEU A 67 18.13 -9.18 6.66
C LEU A 67 19.03 -8.28 5.84
N SER A 68 18.47 -7.25 5.21
CA SER A 68 19.27 -6.31 4.44
C SER A 68 20.28 -5.58 5.32
N SER A 69 19.85 -5.20 6.53
CA SER A 69 20.76 -4.57 7.47
C SER A 69 21.92 -5.49 7.83
N ILE A 70 21.61 -6.75 8.12
CA ILE A 70 22.65 -7.73 8.42
C ILE A 70 23.60 -7.88 7.24
N GLU A 71 23.05 -7.95 6.03
CA GLU A 71 23.86 -8.11 4.83
C GLU A 71 24.76 -6.90 4.63
N GLN A 72 24.24 -5.70 4.86
CA GLN A 72 25.05 -4.50 4.71
C GLN A 72 26.21 -4.49 5.70
N LYS A 73 25.94 -4.85 6.96
CA LYS A 73 27.01 -4.90 7.95
C LYS A 73 28.06 -5.94 7.60
N SER A 74 27.64 -7.08 7.06
CA SER A 74 28.59 -8.12 6.67
C SER A 74 29.51 -7.67 5.55
N ASN A 75 29.13 -6.64 4.79
CA ASN A 75 29.93 -6.12 3.71
C ASN A 75 30.73 -4.88 4.10
N GLU A 76 30.87 -4.61 5.40
CA GLU A 76 31.67 -3.50 5.87
C GLU A 76 33.12 -3.94 6.07
N GLU A 77 34.02 -2.98 6.14
CA GLU A 77 35.43 -3.28 6.31
C GLU A 77 35.69 -3.90 7.68
N GLY A 78 36.55 -4.91 7.72
CA GLY A 78 36.84 -5.61 8.94
C GLY A 78 35.84 -6.69 9.31
N SER A 79 34.77 -6.85 8.54
CA SER A 79 33.78 -7.88 8.83
CA SER A 79 33.78 -7.88 8.83
C SER A 79 34.29 -9.24 8.38
N GLU A 80 34.05 -10.26 9.20
CA GLU A 80 34.49 -11.60 8.87
C GLU A 80 33.59 -12.20 7.78
N GLU A 81 34.22 -12.89 6.83
CA GLU A 81 33.47 -13.54 5.77
C GLU A 81 32.65 -14.69 6.35
N LYS A 82 31.34 -14.69 6.07
CA LYS A 82 30.46 -15.73 6.60
C LYS A 82 29.77 -16.53 5.51
N GLY A 83 30.16 -16.36 4.24
CA GLY A 83 29.61 -17.14 3.16
C GLY A 83 28.39 -16.50 2.52
N PRO A 84 27.74 -17.25 1.63
CA PRO A 84 26.62 -16.70 0.85
C PRO A 84 25.29 -16.72 1.57
N GLU A 85 25.22 -17.20 2.80
CA GLU A 85 23.92 -17.52 3.41
C GLU A 85 23.07 -16.28 3.66
N VAL A 86 23.67 -15.17 4.11
CA VAL A 86 22.87 -13.98 4.38
C VAL A 86 22.24 -13.47 3.09
N ARG A 87 23.03 -13.36 2.02
CA ARG A 87 22.48 -12.94 0.74
C ARG A 87 21.41 -13.91 0.26
N GLU A 88 21.66 -15.21 0.38
CA GLU A 88 20.69 -16.20 -0.09
C GLU A 88 19.37 -16.03 0.63
N TYR A 89 19.42 -15.89 1.95
CA TYR A 89 18.17 -15.82 2.70
C TYR A 89 17.45 -14.49 2.47
N ARG A 90 18.21 -13.39 2.39
CA ARG A 90 17.60 -12.11 2.00
C ARG A 90 16.93 -12.23 0.64
N GLU A 91 17.58 -12.91 -0.31
CA GLU A 91 17.01 -13.12 -1.63
C GLU A 91 15.75 -13.98 -1.56
N LYS A 92 15.74 -14.98 -0.70
CA LYS A 92 14.55 -15.81 -0.53
C LYS A 92 13.36 -14.98 -0.07
N VAL A 93 13.56 -14.19 0.99
CA VAL A 93 12.47 -13.34 1.49
C VAL A 93 12.07 -12.31 0.43
N GLU A 94 13.05 -11.74 -0.27
CA GLU A 94 12.78 -10.76 -1.31
C GLU A 94 11.94 -11.36 -2.42
N THR A 95 12.26 -12.58 -2.85
CA THR A 95 11.50 -13.21 -3.92
C THR A 95 10.07 -13.49 -3.49
N GLU A 96 9.88 -13.90 -2.24
CA GLU A 96 8.52 -14.12 -1.73
CA GLU A 96 8.52 -14.12 -1.74
C GLU A 96 7.74 -12.81 -1.68
N LEU A 97 8.39 -11.73 -1.24
CA LEU A 97 7.77 -10.42 -1.21
C LEU A 97 7.36 -9.98 -2.61
N GLN A 98 8.28 -10.13 -3.58
CA GLN A 98 7.95 -9.78 -4.95
C GLN A 98 6.79 -10.60 -5.47
N GLY A 99 6.74 -11.87 -5.08
CA GLY A 99 5.62 -12.72 -5.48
C GLY A 99 4.28 -12.21 -4.98
N VAL A 100 4.24 -11.79 -3.71
CA VAL A 100 3.02 -11.21 -3.16
C VAL A 100 2.64 -9.93 -3.92
N CYS A 101 3.61 -9.04 -4.14
CA CYS A 101 3.31 -7.82 -4.88
C CYS A 101 2.79 -8.14 -6.28
N ASP A 102 3.42 -9.09 -6.97
CA ASP A 102 2.95 -9.47 -8.30
C ASP A 102 1.54 -10.02 -8.25
N THR A 103 1.22 -10.77 -7.19
CA THR A 103 -0.13 -11.30 -7.06
C THR A 103 -1.14 -10.19 -6.91
N VAL A 104 -0.86 -9.22 -6.02
CA VAL A 104 -1.79 -8.11 -5.83
C VAL A 104 -1.94 -7.32 -7.12
N LEU A 105 -0.81 -6.98 -7.75
CA LEU A 105 -0.88 -6.24 -9.00
C LEU A 105 -1.64 -7.01 -10.07
N GLY A 106 -1.51 -8.34 -10.05
CA GLY A 106 -2.25 -9.15 -11.00
C GLY A 106 -3.75 -9.10 -10.77
N LEU A 107 -4.18 -9.10 -9.51
CA LEU A 107 -5.61 -8.97 -9.23
C LEU A 107 -6.13 -7.61 -9.67
N LEU A 108 -5.34 -6.56 -9.45
CA LEU A 108 -5.76 -5.22 -9.84
C LEU A 108 -5.88 -5.11 -11.36
N ASP A 109 -4.95 -5.74 -12.09
N ASP A 109 -4.94 -5.72 -12.09
CA ASP A 109 -4.96 -5.67 -13.54
CA ASP A 109 -4.97 -5.66 -13.55
C ASP A 109 -5.93 -6.66 -14.18
C ASP A 109 -5.98 -6.61 -14.16
N SER A 110 -6.36 -7.68 -13.44
CA SER A 110 -7.25 -8.72 -13.98
C SER A 110 -8.30 -9.09 -12.92
N HIS A 111 -9.36 -8.29 -12.78
CA HIS A 111 -9.68 -7.14 -13.64
C HIS A 111 -10.29 -6.02 -12.79
N LEU A 112 -9.77 -5.83 -11.57
CA LEU A 112 -10.43 -4.92 -10.63
C LEU A 112 -10.44 -3.49 -11.14
N ILE A 113 -9.30 -2.99 -11.62
CA ILE A 113 -9.24 -1.58 -12.00
C ILE A 113 -10.15 -1.29 -13.19
N LYS A 114 -10.12 -2.15 -14.21
CA LYS A 114 -10.85 -1.82 -15.43
C LYS A 114 -12.36 -1.81 -15.22
N GLU A 115 -12.86 -2.49 -14.19
CA GLU A 115 -14.29 -2.47 -13.90
C GLU A 115 -14.67 -1.42 -12.85
N ALA A 116 -13.71 -0.71 -12.28
CA ALA A 116 -13.97 0.25 -11.20
C ALA A 116 -14.25 1.62 -11.79
N GLY A 117 -15.53 2.02 -11.73
CA GLY A 117 -15.95 3.29 -12.30
C GLY A 117 -16.20 4.38 -11.28
N ASP A 118 -16.63 4.02 -10.08
CA ASP A 118 -16.87 5.04 -9.07
C ASP A 118 -15.54 5.49 -8.48
N ALA A 119 -15.47 6.77 -8.09
CA ALA A 119 -14.22 7.30 -7.56
C ALA A 119 -13.73 6.50 -6.35
N GLU A 120 -14.65 6.09 -5.48
CA GLU A 120 -14.22 5.43 -4.24
CA GLU A 120 -14.25 5.42 -4.24
C GLU A 120 -13.55 4.09 -4.51
N SER A 121 -13.99 3.38 -5.55
CA SER A 121 -13.33 2.13 -5.88
C SER A 121 -12.09 2.36 -6.72
N ARG A 122 -12.18 3.22 -7.73
CA ARG A 122 -11.07 3.40 -8.66
C ARG A 122 -9.85 4.01 -7.98
N VAL A 123 -10.07 5.06 -7.16
CA VAL A 123 -8.97 5.66 -6.42
C VAL A 123 -8.35 4.64 -5.47
N PHE A 124 -9.17 3.87 -4.76
N PHE A 124 -9.18 3.88 -4.77
CA PHE A 124 -8.68 2.84 -3.84
CA PHE A 124 -8.68 2.85 -3.85
C PHE A 124 -7.77 1.86 -4.56
C PHE A 124 -7.75 1.88 -4.58
N TYR A 125 -8.19 1.35 -5.72
CA TYR A 125 -7.39 0.35 -6.43
C TYR A 125 -6.12 0.97 -7.02
N LEU A 126 -6.21 2.17 -7.56
CA LEU A 126 -5.02 2.82 -8.10
C LEU A 126 -4.03 3.15 -7.00
N LYS A 127 -4.51 3.55 -5.83
CA LYS A 127 -3.63 3.72 -4.68
C LYS A 127 -2.91 2.41 -4.36
N MET A 128 -3.66 1.30 -4.30
CA MET A 128 -3.04 0.00 -4.05
CA MET A 128 -3.05 0.00 -4.05
C MET A 128 -2.00 -0.33 -5.10
N LYS A 129 -2.29 -0.03 -6.36
CA LYS A 129 -1.32 -0.30 -7.42
C LYS A 129 -0.03 0.50 -7.17
N GLY A 130 -0.17 1.78 -6.80
CA GLY A 130 1.00 2.56 -6.45
C GLY A 130 1.74 1.98 -5.27
N ASP A 131 1.00 1.53 -4.24
CA ASP A 131 1.61 0.96 -3.04
C ASP A 131 2.44 -0.27 -3.37
N TYR A 132 1.88 -1.18 -4.17
CA TYR A 132 2.59 -2.45 -4.42
C TYR A 132 3.75 -2.27 -5.38
N TYR A 133 3.66 -1.33 -6.33
CA TYR A 133 4.86 -0.97 -7.08
C TYR A 133 5.90 -0.30 -6.17
N ARG A 134 5.44 0.47 -5.18
CA ARG A 134 6.38 1.07 -4.24
C ARG A 134 7.12 0.01 -3.44
N TYR A 135 6.42 -1.04 -2.99
CA TYR A 135 7.10 -2.12 -2.28
C TYR A 135 8.09 -2.84 -3.19
N LEU A 136 7.73 -3.04 -4.46
CA LEU A 136 8.72 -3.57 -5.41
C LEU A 136 9.92 -2.64 -5.54
N ALA A 137 9.68 -1.33 -5.57
CA ALA A 137 10.76 -0.36 -5.70
C ALA A 137 11.70 -0.40 -4.50
N GLU A 138 11.17 -0.68 -3.30
CA GLU A 138 12.00 -0.71 -2.11
C GLU A 138 13.10 -1.75 -2.21
N VAL A 139 12.88 -2.84 -2.93
CA VAL A 139 13.85 -3.93 -3.05
C VAL A 139 14.53 -3.97 -4.41
N ALA A 140 14.16 -3.08 -5.33
CA ALA A 140 14.67 -3.13 -6.69
C ALA A 140 16.09 -2.57 -6.76
N THR A 141 16.93 -3.23 -7.56
CA THR A 141 18.29 -2.77 -7.81
C THR A 141 18.76 -3.04 -9.23
N GLY A 142 17.87 -3.49 -10.12
CA GLY A 142 18.24 -3.91 -11.46
C GLY A 142 17.94 -2.88 -12.53
N ASP A 143 17.91 -3.34 -13.79
CA ASP A 143 17.72 -2.47 -14.94
C ASP A 143 16.34 -1.82 -14.93
N ASP A 144 15.34 -2.50 -14.40
CA ASP A 144 13.96 -2.02 -14.44
C ASP A 144 13.58 -1.15 -13.25
N LYS A 145 14.53 -0.83 -12.36
CA LYS A 145 14.20 -0.08 -11.16
C LYS A 145 13.52 1.25 -11.49
N LYS A 146 14.03 1.97 -12.49
CA LYS A 146 13.41 3.23 -12.86
C LYS A 146 12.00 3.01 -13.38
N ARG A 147 11.78 1.94 -14.15
CA ARG A 147 10.45 1.69 -14.65
C ARG A 147 9.50 1.28 -13.51
N ILE A 148 10.01 0.56 -12.51
CA ILE A 148 9.18 0.20 -11.37
C ILE A 148 8.76 1.45 -10.61
N ILE A 149 9.71 2.34 -10.35
CA ILE A 149 9.41 3.61 -9.69
C ILE A 149 8.39 4.41 -10.49
N ASP A 150 8.57 4.47 -11.82
CA ASP A 150 7.63 5.24 -12.63
C ASP A 150 6.25 4.61 -12.65
N SER A 151 6.17 3.26 -12.57
CA SER A 151 4.87 2.61 -12.48
C SER A 151 4.14 3.01 -11.19
N ALA A 152 4.87 3.04 -10.08
CA ALA A 152 4.25 3.51 -8.83
C ALA A 152 3.77 4.95 -8.99
N ARG A 153 4.64 5.82 -9.49
CA ARG A 153 4.30 7.23 -9.66
C ARG A 153 3.06 7.39 -10.53
N SER A 154 3.01 6.68 -11.65
CA SER A 154 1.90 6.82 -12.59
C SER A 154 0.58 6.41 -11.96
N ALA A 155 0.56 5.30 -11.23
CA ALA A 155 -0.66 4.86 -10.58
C ALA A 155 -1.10 5.86 -9.52
N TYR A 156 -0.16 6.30 -8.67
CA TYR A 156 -0.49 7.32 -7.67
C TYR A 156 -1.03 8.57 -8.34
N GLN A 157 -0.41 8.99 -9.44
CA GLN A 157 -0.82 10.24 -10.09
C GLN A 157 -2.22 10.15 -10.65
N GLU A 158 -2.57 9.03 -11.29
CA GLU A 158 -3.93 8.87 -11.77
C GLU A 158 -4.92 8.88 -10.62
N ALA A 159 -4.59 8.20 -9.52
CA ALA A 159 -5.46 8.21 -8.36
C ALA A 159 -5.61 9.63 -7.81
N MET A 160 -4.52 10.39 -7.76
N MET A 160 -4.51 10.38 -7.78
CA MET A 160 -4.58 11.77 -7.27
CA MET A 160 -4.55 11.75 -7.29
C MET A 160 -5.49 12.61 -8.16
C MET A 160 -5.44 12.62 -8.15
N ASP A 161 -5.33 12.48 -9.47
CA ASP A 161 -6.13 13.30 -10.38
C ASP A 161 -7.62 13.04 -10.18
N ILE A 162 -8.00 11.76 -10.07
CA ILE A 162 -9.41 11.43 -9.85
C ILE A 162 -9.86 11.95 -8.49
N SER A 163 -9.05 11.74 -7.45
CA SER A 163 -9.47 12.11 -6.11
C SER A 163 -9.69 13.61 -5.98
N LYS A 164 -8.85 14.41 -6.64
CA LYS A 164 -9.02 15.85 -6.54
C LYS A 164 -10.27 16.31 -7.28
N LYS A 165 -10.66 15.61 -8.34
N LYS A 165 -10.65 15.64 -8.36
CA LYS A 165 -11.84 16.01 -9.11
CA LYS A 165 -11.85 16.01 -9.09
C LYS A 165 -13.13 15.47 -8.51
C LYS A 165 -13.12 15.54 -8.40
N GLU A 166 -13.10 14.32 -7.84
CA GLU A 166 -14.32 13.62 -7.48
C GLU A 166 -14.58 13.47 -5.98
N MET A 167 -13.61 13.77 -5.12
CA MET A 167 -13.77 13.55 -3.69
C MET A 167 -13.51 14.83 -2.92
N PRO A 168 -14.16 15.00 -1.78
CA PRO A 168 -13.85 16.14 -0.91
C PRO A 168 -12.47 15.99 -0.30
N PRO A 169 -11.84 17.09 0.10
CA PRO A 169 -10.47 17.00 0.63
C PRO A 169 -10.35 16.23 1.92
N THR A 170 -11.47 15.95 2.62
CA THR A 170 -11.44 15.16 3.84
C THR A 170 -11.70 13.68 3.61
N ASN A 171 -12.01 13.27 2.38
CA ASN A 171 -12.33 11.87 2.14
CA ASN A 171 -12.33 11.87 2.14
C ASN A 171 -11.17 10.99 2.60
N PRO A 172 -11.42 9.98 3.45
CA PRO A 172 -10.30 9.17 3.96
C PRO A 172 -9.48 8.47 2.89
N ILE A 173 -10.09 8.04 1.78
CA ILE A 173 -9.30 7.42 0.72
C ILE A 173 -8.37 8.46 0.09
N ARG A 174 -8.90 9.65 -0.20
CA ARG A 174 -8.08 10.73 -0.74
C ARG A 174 -6.93 11.06 0.21
N LEU A 175 -7.22 11.13 1.51
CA LEU A 175 -6.19 11.45 2.50
C LEU A 175 -5.12 10.37 2.56
N GLY A 176 -5.54 9.09 2.61
CA GLY A 176 -4.57 8.01 2.68
C GLY A 176 -3.72 7.91 1.43
N LEU A 177 -4.33 8.15 0.26
CA LEU A 177 -3.58 8.22 -0.98
C LEU A 177 -2.50 9.29 -0.91
N ALA A 178 -2.88 10.49 -0.46
CA ALA A 178 -1.91 11.58 -0.37
C ALA A 178 -0.79 11.25 0.62
N LEU A 179 -1.16 10.68 1.77
CA LEU A 179 -0.17 10.24 2.75
C LEU A 179 0.85 9.32 2.09
N ASN A 180 0.36 8.31 1.35
CA ASN A 180 1.26 7.30 0.79
C ASN A 180 2.06 7.85 -0.37
N PHE A 181 1.45 8.68 -1.24
CA PHE A 181 2.19 9.27 -2.34
C PHE A 181 3.28 10.20 -1.80
N SER A 182 2.99 10.91 -0.72
CA SER A 182 4.00 11.74 -0.07
C SER A 182 5.16 10.88 0.41
N VAL A 183 4.87 9.73 1.02
CA VAL A 183 5.94 8.81 1.43
C VAL A 183 6.72 8.31 0.22
N PHE A 184 6.03 7.97 -0.87
CA PHE A 184 6.70 7.63 -2.12
C PHE A 184 7.72 8.71 -2.50
N HIS A 185 7.28 9.98 -2.49
CA HIS A 185 8.19 11.06 -2.85
C HIS A 185 9.41 11.08 -1.94
N TYR A 186 9.20 10.91 -0.64
CA TYR A 186 10.28 11.05 0.33
C TYR A 186 11.24 9.86 0.28
N GLU A 187 10.68 8.65 0.25
N GLU A 187 10.69 8.64 0.28
CA GLU A 187 11.47 7.44 0.48
CA GLU A 187 11.48 7.43 0.46
C GLU A 187 11.87 6.71 -0.80
C GLU A 187 11.97 6.84 -0.85
N ILE A 188 11.19 6.96 -1.92
CA ILE A 188 11.46 6.27 -3.18
C ILE A 188 12.04 7.21 -4.22
N ALA A 189 11.40 8.37 -4.41
CA ALA A 189 11.71 9.25 -5.53
C ALA A 189 12.76 10.30 -5.19
N ASN A 190 13.33 10.27 -3.99
CA ASN A 190 14.36 11.25 -3.61
C ASN A 190 13.85 12.68 -3.76
N SER A 191 12.59 12.90 -3.39
CA SER A 191 11.92 14.19 -3.56
C SER A 191 11.32 14.63 -2.24
N PRO A 192 12.15 14.89 -1.22
CA PRO A 192 11.59 15.27 0.08
C PRO A 192 10.79 16.55 0.06
N GLU A 193 11.17 17.53 -0.77
CA GLU A 193 10.40 18.76 -0.81
C GLU A 193 8.99 18.51 -1.35
N GLU A 194 8.87 17.67 -2.38
CA GLU A 194 7.54 17.32 -2.89
C GLU A 194 6.75 16.58 -1.83
N ALA A 195 7.41 15.68 -1.09
CA ALA A 195 6.74 14.94 -0.03
C ALA A 195 6.16 15.88 1.01
N ILE A 196 6.97 16.85 1.44
CA ILE A 196 6.55 17.80 2.47
C ILE A 196 5.45 18.70 1.95
N SER A 197 5.61 19.22 0.74
CA SER A 197 4.58 20.08 0.17
C SER A 197 3.25 19.36 0.04
N LEU A 198 3.27 18.12 -0.46
CA LEU A 198 2.04 17.36 -0.60
C LEU A 198 1.38 17.12 0.75
N ALA A 199 2.16 16.70 1.76
CA ALA A 199 1.57 16.44 3.07
C ALA A 199 0.97 17.71 3.68
N LYS A 200 1.68 18.83 3.59
CA LYS A 200 1.19 20.10 4.14
C LYS A 200 -0.08 20.55 3.46
N THR A 201 -0.07 20.59 2.12
CA THR A 201 -1.24 21.05 1.40
C THR A 201 -2.44 20.15 1.64
N THR A 202 -2.22 18.82 1.67
CA THR A 202 -3.31 17.89 1.96
C THR A 202 -3.88 18.17 3.34
N PHE A 203 -3.01 18.33 4.34
CA PHE A 203 -3.46 18.58 5.70
C PHE A 203 -4.29 19.85 5.78
N ASP A 204 -3.80 20.92 5.16
CA ASP A 204 -4.45 22.23 5.27
C ASP A 204 -5.79 22.24 4.57
N GLU A 205 -5.87 21.60 3.39
CA GLU A 205 -7.14 21.58 2.68
C GLU A 205 -8.17 20.70 3.39
N ALA A 206 -7.71 19.62 4.05
CA ALA A 206 -8.63 18.83 4.86
C ALA A 206 -9.13 19.62 6.06
N MET A 207 -8.21 20.31 6.75
CA MET A 207 -8.60 21.13 7.90
C MET A 207 -9.75 22.07 7.55
N ALA A 208 -9.65 22.71 6.41
CA ALA A 208 -10.64 23.71 6.00
C ALA A 208 -11.99 23.10 5.66
N ASP A 209 -12.06 21.78 5.47
CA ASP A 209 -13.29 21.09 5.10
C ASP A 209 -13.91 20.32 6.26
N LEU A 210 -13.23 20.26 7.41
CA LEU A 210 -13.74 19.48 8.53
C LEU A 210 -15.09 19.98 9.01
N HIS A 211 -15.37 21.28 8.85
CA HIS A 211 -16.61 21.86 9.36
C HIS A 211 -17.85 21.26 8.70
N THR A 212 -17.69 20.60 7.55
CA THR A 212 -18.82 20.02 6.84
C THR A 212 -19.19 18.63 7.34
N LEU A 213 -18.42 18.05 8.25
CA LEU A 213 -18.50 16.63 8.55
C LEU A 213 -19.29 16.36 9.82
N SER A 214 -19.91 15.18 9.86
CA SER A 214 -20.46 14.63 11.09
C SER A 214 -19.33 14.28 12.05
N GLU A 215 -19.70 13.99 13.30
CA GLU A 215 -18.71 13.59 14.29
C GLU A 215 -17.96 12.34 13.86
N ASP A 216 -18.66 11.37 13.27
CA ASP A 216 -18.00 10.13 12.88
C ASP A 216 -17.05 10.34 11.70
N SER A 217 -17.48 11.09 10.69
CA SER A 217 -16.59 11.40 9.57
C SER A 217 -15.40 12.22 10.05
N TYR A 218 -15.64 13.16 10.97
N TYR A 218 -15.65 13.16 10.96
CA TYR A 218 -14.56 13.97 11.53
CA TYR A 218 -14.58 13.97 11.53
C TYR A 218 -13.50 13.09 12.18
C TYR A 218 -13.51 13.09 12.16
N LYS A 219 -13.93 12.06 12.91
CA LYS A 219 -12.96 11.16 13.54
C LYS A 219 -12.12 10.43 12.49
N ASP A 220 -12.78 9.93 11.43
CA ASP A 220 -12.04 9.24 10.37
C ASP A 220 -11.01 10.16 9.73
N SER A 221 -11.42 11.38 9.37
CA SER A 221 -10.52 12.26 8.64
C SER A 221 -9.38 12.75 9.52
N THR A 222 -9.67 13.13 10.77
CA THR A 222 -8.62 13.66 11.63
C THR A 222 -7.60 12.59 11.98
N LEU A 223 -8.00 11.32 12.03
CA LEU A 223 -7.05 10.24 12.27
C LEU A 223 -5.95 10.25 11.21
N ILE A 224 -6.33 10.35 9.94
CA ILE A 224 -5.34 10.34 8.87
C ILE A 224 -4.60 11.66 8.82
N MET A 225 -5.27 12.77 9.12
CA MET A 225 -4.56 14.05 9.19
C MET A 225 -3.44 14.00 10.20
N GLN A 226 -3.66 13.30 11.32
CA GLN A 226 -2.58 13.18 12.31
C GLN A 226 -1.40 12.41 11.76
N LEU A 227 -1.64 11.41 10.91
CA LEU A 227 -0.53 10.70 10.26
C LEU A 227 0.25 11.63 9.35
N LEU A 228 -0.44 12.49 8.61
CA LEU A 228 0.26 13.49 7.79
C LEU A 228 1.11 14.39 8.67
N ARG A 229 0.54 14.86 9.78
N ARG A 229 0.54 14.85 9.79
CA ARG A 229 1.28 15.70 10.71
CA ARG A 229 1.29 15.71 10.71
C ARG A 229 2.48 14.96 11.30
C ARG A 229 2.48 14.97 11.30
N ASP A 230 2.30 13.68 11.63
CA ASP A 230 3.42 12.90 12.17
C ASP A 230 4.56 12.83 11.17
N ASN A 231 4.25 12.62 9.89
CA ASN A 231 5.32 12.58 8.89
C ASN A 231 5.96 13.95 8.74
N LEU A 232 5.16 15.02 8.73
CA LEU A 232 5.75 16.35 8.64
C LEU A 232 6.69 16.62 9.80
N THR A 233 6.32 16.19 11.00
CA THR A 233 7.20 16.36 12.15
C THR A 233 8.49 15.57 11.99
N LEU A 234 8.39 14.36 11.45
CA LEU A 234 9.58 13.55 11.21
C LEU A 234 10.50 14.19 10.19
N TRP A 235 9.94 14.90 9.20
CA TRP A 235 10.68 15.37 8.04
C TRP A 235 11.16 16.81 8.17
N THR A 236 10.75 17.54 9.21
CA THR A 236 11.07 18.96 9.31
C THR A 236 11.66 19.30 10.68
N PHE B 4 10.38 4.63 10.41
CA PHE B 4 9.76 4.77 9.09
C PHE B 4 8.53 5.69 9.16
N PRO B 5 8.23 6.37 8.06
CA PRO B 5 7.06 7.26 8.04
C PRO B 5 5.77 6.45 7.96
N ALA B 6 4.67 7.11 8.30
CA ALA B 6 3.36 6.47 8.33
C ALA B 6 2.76 6.34 6.94
N VAL B 8 -0.88 4.16 5.08
CA VAL B 8 -2.11 3.40 5.35
C VAL B 8 -2.52 2.55 4.16
#